data_5H78
#
_entry.id   5H78
#
_cell.length_a   179.234
_cell.length_b   96.539
_cell.length_c   39.351
_cell.angle_alpha   90.00
_cell.angle_beta   89.90
_cell.angle_gamma   90.00
#
_symmetry.space_group_name_H-M   'C 1 2 1'
#
loop_
_entity.id
_entity.type
_entity.pdbx_description
1 polymer 'cAMP-dependent protein kinase type II-alpha regulatory subunit,DHR14'
2 water water
#
_entity_poly.entity_id   1
_entity_poly.type   'polypeptide(L)'
_entity_poly.pdbx_seq_one_letter_code
;GSHMQIPPGLTELLQGYTVEVLRQQPPDLVEFAVEYFTRLRSERVNERVKQLAEKAKEATDKEEVIEIVKELAELAKQST
DSELVNEIVKQLAEVAKEATDKELVIYIVKILAELAKQSTDSELVNEIVKQLAEVAKEATDKELVIYIVKILAELAKQST
DSELVNEIVKQLEEVAKEATDKELVEHIEKILEELKK
;
_entity_poly.pdbx_strand_id   A,B
#
# COMPACT_ATOMS: atom_id res chain seq x y z
N ILE A 6 0.31 -35.84 -14.78
CA ILE A 6 -0.15 -34.95 -13.72
C ILE A 6 0.98 -34.63 -12.74
N PRO A 7 1.14 -33.35 -12.40
CA PRO A 7 2.21 -32.98 -11.48
C PRO A 7 1.88 -33.39 -10.06
N PRO A 8 2.89 -33.65 -9.23
CA PRO A 8 2.63 -34.18 -7.88
C PRO A 8 1.89 -33.16 -7.01
N GLY A 9 0.81 -33.61 -6.38
CA GLY A 9 0.05 -32.81 -5.45
C GLY A 9 -1.19 -32.15 -6.03
N LEU A 10 -1.38 -32.19 -7.35
CA LEU A 10 -2.52 -31.49 -7.94
C LEU A 10 -3.85 -32.06 -7.43
N THR A 11 -3.99 -33.38 -7.43
CA THR A 11 -5.24 -34.00 -7.00
C THR A 11 -5.59 -33.62 -5.56
N GLU A 12 -4.62 -33.75 -4.65
CA GLU A 12 -4.88 -33.43 -3.24
C GLU A 12 -5.17 -31.94 -3.06
N LEU A 13 -4.52 -31.10 -3.85
CA LEU A 13 -4.75 -29.67 -3.74
C LEU A 13 -6.18 -29.31 -4.12
N LEU A 14 -6.66 -29.85 -5.24
CA LEU A 14 -8.01 -29.52 -5.67
C LEU A 14 -9.06 -30.20 -4.79
N GLN A 15 -8.75 -31.37 -4.24
CA GLN A 15 -9.68 -31.99 -3.32
C GLN A 15 -9.84 -31.15 -2.05
N GLY A 16 -8.75 -30.54 -1.58
CA GLY A 16 -8.85 -29.70 -0.38
C GLY A 16 -9.74 -28.51 -0.59
N TYR A 17 -9.60 -27.86 -1.74
CA TYR A 17 -10.48 -26.74 -2.06
C TYR A 17 -11.91 -27.21 -2.22
N THR A 18 -12.11 -28.39 -2.83
CA THR A 18 -13.45 -28.91 -3.02
C THR A 18 -14.17 -29.16 -1.69
N VAL A 19 -13.45 -29.71 -0.71
CA VAL A 19 -14.05 -29.94 0.61
C VAL A 19 -14.59 -28.63 1.17
N GLU A 20 -13.78 -27.56 1.11
CA GLU A 20 -14.19 -26.31 1.73
C GLU A 20 -15.32 -25.64 0.96
N VAL A 21 -15.35 -25.81 -0.36
CA VAL A 21 -16.48 -25.33 -1.14
C VAL A 21 -17.76 -26.02 -0.70
N LEU A 22 -17.71 -27.34 -0.51
CA LEU A 22 -18.89 -28.08 -0.12
C LEU A 22 -19.28 -27.83 1.33
N ARG A 23 -18.31 -27.55 2.21
CA ARG A 23 -18.63 -27.19 3.59
C ARG A 23 -19.26 -25.81 3.68
N GLN A 24 -18.58 -24.80 3.13
CA GLN A 24 -18.94 -23.41 3.39
C GLN A 24 -19.91 -22.82 2.39
N GLN A 25 -20.15 -23.51 1.28
CA GLN A 25 -21.12 -23.07 0.26
C GLN A 25 -20.97 -21.60 -0.13
N PRO A 26 -19.81 -21.21 -0.65
CA PRO A 26 -19.57 -19.81 -1.00
C PRO A 26 -20.38 -19.39 -2.21
N PRO A 27 -20.92 -18.16 -2.21
CA PRO A 27 -21.68 -17.71 -3.38
C PRO A 27 -20.82 -17.49 -4.63
N ASP A 28 -19.53 -17.20 -4.49
CA ASP A 28 -18.66 -16.96 -5.64
C ASP A 28 -17.41 -17.81 -5.51
N LEU A 29 -17.28 -18.81 -6.38
CA LEU A 29 -16.21 -19.78 -6.28
C LEU A 29 -14.86 -19.19 -6.62
N VAL A 30 -14.84 -18.16 -7.48
CA VAL A 30 -13.55 -17.55 -7.83
C VAL A 30 -13.03 -16.72 -6.67
N GLU A 31 -13.89 -15.90 -6.08
CA GLU A 31 -13.51 -15.16 -4.88
C GLU A 31 -13.03 -16.12 -3.81
N PHE A 32 -13.76 -17.20 -3.61
CA PHE A 32 -13.43 -18.14 -2.56
C PHE A 32 -12.11 -18.84 -2.83
N ALA A 33 -11.84 -19.15 -4.11
CA ALA A 33 -10.54 -19.71 -4.48
C ALA A 33 -9.40 -18.74 -4.17
N VAL A 34 -9.57 -17.44 -4.46
CA VAL A 34 -8.49 -16.53 -4.12
C VAL A 34 -8.24 -16.54 -2.62
N GLU A 35 -9.31 -16.54 -1.82
CA GLU A 35 -9.15 -16.56 -0.37
C GLU A 35 -8.50 -17.87 0.10
N TYR A 36 -8.97 -18.99 -0.43
CA TYR A 36 -8.48 -20.30 0.01
C TYR A 36 -7.00 -20.46 -0.30
N PHE A 37 -6.61 -20.20 -1.55
CA PHE A 37 -5.23 -20.43 -1.93
C PHE A 37 -4.29 -19.36 -1.37
N THR A 38 -4.79 -18.14 -1.15
CA THR A 38 -3.94 -17.15 -0.46
C THR A 38 -3.65 -17.59 0.95
N ARG A 39 -4.65 -18.14 1.65
CA ARG A 39 -4.42 -18.63 3.00
C ARG A 39 -3.40 -19.75 3.00
N LEU A 40 -3.53 -20.73 2.08
CA LEU A 40 -2.57 -21.82 2.01
C LEU A 40 -1.16 -21.32 1.72
N ARG A 41 -1.04 -20.38 0.76
CA ARG A 41 0.26 -19.78 0.49
C ARG A 41 0.82 -19.11 1.75
N SER A 42 -0.02 -18.34 2.45
CA SER A 42 0.42 -17.64 3.65
C SER A 42 0.86 -18.61 4.75
N GLU A 43 0.06 -19.66 4.98
CA GLU A 43 0.43 -20.65 5.97
C GLU A 43 1.76 -21.31 5.63
N ARG A 44 2.00 -21.63 4.36
CA ARG A 44 3.23 -22.32 3.99
C ARG A 44 4.45 -21.41 4.10
N VAL A 45 4.35 -20.17 3.65
CA VAL A 45 5.50 -19.29 3.72
C VAL A 45 5.78 -18.91 5.17
N ASN A 46 4.72 -18.74 5.99
CA ASN A 46 4.94 -18.45 7.41
C ASN A 46 5.70 -19.58 8.09
N GLU A 47 5.41 -20.83 7.72
CA GLU A 47 6.11 -21.95 8.32
C GLU A 47 7.54 -22.03 7.82
N ARG A 48 7.76 -21.69 6.54
CA ARG A 48 9.12 -21.63 6.03
C ARG A 48 9.95 -20.59 6.80
N VAL A 49 9.37 -19.42 7.06
CA VAL A 49 10.09 -18.38 7.79
C VAL A 49 10.40 -18.85 9.22
N LYS A 50 9.43 -19.51 9.86
CA LYS A 50 9.68 -19.99 11.21
C LYS A 50 10.77 -21.07 11.20
N GLN A 51 10.79 -21.92 10.18
CA GLN A 51 11.82 -22.95 10.04
C GLN A 51 13.20 -22.34 9.82
N LEU A 52 13.28 -21.30 8.99
CA LEU A 52 14.56 -20.64 8.75
C LEU A 52 15.09 -19.98 10.02
N ALA A 53 14.20 -19.36 10.79
CA ALA A 53 14.61 -18.73 12.05
C ALA A 53 15.17 -19.75 13.03
N GLU A 54 14.50 -20.91 13.16
CA GLU A 54 15.03 -21.95 14.04
C GLU A 54 16.37 -22.44 13.53
N LYS A 55 16.49 -22.63 12.21
CA LYS A 55 17.75 -23.10 11.64
C LYS A 55 18.87 -22.09 11.85
N ALA A 56 18.58 -20.79 11.68
CA ALA A 56 19.61 -19.78 11.94
C ALA A 56 20.01 -19.77 13.41
N LYS A 57 19.05 -20.01 14.31
CA LYS A 57 19.35 -20.03 15.74
C LYS A 57 20.18 -21.25 16.13
N GLU A 58 19.94 -22.39 15.47
CA GLU A 58 20.71 -23.60 15.75
C GLU A 58 22.03 -23.66 14.99
N ALA A 59 22.20 -22.86 13.94
CA ALA A 59 23.39 -22.94 13.11
C ALA A 59 24.66 -22.69 13.92
N THR A 60 25.70 -23.44 13.60
CA THR A 60 26.97 -23.32 14.29
C THR A 60 28.02 -22.67 13.39
N ASP A 61 27.63 -22.18 12.22
CA ASP A 61 28.56 -21.68 11.23
C ASP A 61 28.00 -20.44 10.54
N LYS A 62 28.88 -19.47 10.33
CA LYS A 62 28.49 -18.20 9.70
C LYS A 62 27.97 -18.40 8.28
N GLU A 63 28.55 -19.35 7.54
CA GLU A 63 28.11 -19.59 6.17
C GLU A 63 26.69 -20.13 6.09
N GLU A 64 26.29 -20.99 7.03
CA GLU A 64 24.91 -21.44 7.03
C GLU A 64 23.95 -20.29 7.33
N VAL A 65 24.31 -19.41 8.26
CA VAL A 65 23.44 -18.29 8.59
C VAL A 65 23.30 -17.34 7.41
N ILE A 66 24.40 -17.08 6.69
CA ILE A 66 24.35 -16.18 5.55
C ILE A 66 23.39 -16.72 4.48
N GLU A 67 23.43 -18.04 4.24
CA GLU A 67 22.51 -18.58 3.24
C GLU A 67 21.05 -18.45 3.70
N ILE A 68 20.79 -18.57 5.01
CA ILE A 68 19.43 -18.37 5.51
C ILE A 68 18.99 -16.92 5.33
N VAL A 69 19.87 -15.98 5.69
CA VAL A 69 19.61 -14.56 5.48
C VAL A 69 19.31 -14.26 4.01
N LYS A 70 20.06 -14.86 3.09
CA LYS A 70 19.80 -14.63 1.66
C LYS A 70 18.41 -15.10 1.26
N GLU A 71 17.96 -16.24 1.80
CA GLU A 71 16.64 -16.73 1.42
C GLU A 71 15.55 -15.85 2.03
N LEU A 72 15.75 -15.39 3.27
CA LEU A 72 14.81 -14.46 3.90
C LEU A 72 14.71 -13.15 3.13
N ALA A 73 15.86 -12.61 2.69
CA ALA A 73 15.83 -11.34 1.94
C ALA A 73 15.06 -11.50 0.65
N GLU A 74 15.23 -12.63 -0.03
CA GLU A 74 14.52 -12.81 -1.30
C GLU A 74 13.04 -13.10 -1.07
N LEU A 75 12.67 -13.83 0.00
CA LEU A 75 11.25 -13.95 0.33
C LEU A 75 10.62 -12.59 0.57
N ALA A 76 11.30 -11.73 1.34
CA ALA A 76 10.76 -10.41 1.63
C ALA A 76 10.61 -9.58 0.36
N LYS A 77 11.59 -9.67 -0.54
CA LYS A 77 11.53 -8.88 -1.76
C LYS A 77 10.40 -9.32 -2.68
N GLN A 78 10.14 -10.62 -2.74
CA GLN A 78 9.13 -11.10 -3.69
C GLN A 78 7.72 -11.04 -3.13
N SER A 79 7.56 -10.80 -1.83
CA SER A 79 6.23 -10.77 -1.22
C SER A 79 5.59 -9.39 -1.36
N THR A 80 4.27 -9.38 -1.50
CA THR A 80 3.48 -8.16 -1.38
C THR A 80 2.64 -8.15 -0.10
N ASP A 81 2.88 -9.10 0.81
CA ASP A 81 2.13 -9.25 2.04
C ASP A 81 2.85 -8.45 3.12
N SER A 82 2.28 -7.31 3.51
CA SER A 82 2.92 -6.43 4.47
C SER A 82 3.18 -7.14 5.80
N GLU A 83 2.26 -8.02 6.21
CA GLU A 83 2.42 -8.75 7.46
C GLU A 83 3.61 -9.72 7.40
N LEU A 84 3.80 -10.38 6.27
CA LEU A 84 4.92 -11.30 6.13
C LEU A 84 6.26 -10.56 6.11
N VAL A 85 6.33 -9.45 5.36
CA VAL A 85 7.59 -8.71 5.29
C VAL A 85 7.99 -8.24 6.67
N ASN A 86 7.01 -7.78 7.46
CA ASN A 86 7.31 -7.32 8.81
C ASN A 86 7.83 -8.46 9.68
N GLU A 87 7.25 -9.65 9.53
CA GLU A 87 7.74 -10.81 10.29
C GLU A 87 9.16 -11.20 9.87
N ILE A 88 9.45 -11.12 8.57
CA ILE A 88 10.81 -11.40 8.11
C ILE A 88 11.79 -10.36 8.65
N VAL A 89 11.37 -9.08 8.69
CA VAL A 89 12.21 -8.04 9.26
C VAL A 89 12.52 -8.36 10.72
N LYS A 90 11.50 -8.75 11.49
CA LYS A 90 11.70 -9.18 12.88
C LYS A 90 12.71 -10.32 12.97
N GLN A 91 12.64 -11.29 12.04
CA GLN A 91 13.54 -12.43 12.12
C GLN A 91 14.96 -12.07 11.71
N LEU A 92 15.11 -11.19 10.71
CA LEU A 92 16.44 -10.68 10.36
C LEU A 92 17.04 -9.91 11.52
N ALA A 93 16.21 -9.15 12.24
CA ALA A 93 16.70 -8.40 13.39
C ALA A 93 17.24 -9.33 14.46
N GLU A 94 16.57 -10.47 14.69
CA GLU A 94 17.08 -11.41 15.68
C GLU A 94 18.41 -12.03 15.24
N VAL A 95 18.57 -12.32 13.94
CA VAL A 95 19.83 -12.84 13.45
C VAL A 95 20.95 -11.82 13.62
N ALA A 96 20.67 -10.53 13.33
CA ALA A 96 21.70 -9.51 13.49
C ALA A 96 22.09 -9.34 14.95
N LYS A 97 21.12 -9.43 15.85
CA LYS A 97 21.41 -9.33 17.29
C LYS A 97 22.31 -10.49 17.75
N GLU A 98 22.03 -11.69 17.28
CA GLU A 98 22.79 -12.88 17.62
C GLU A 98 24.20 -12.88 17.00
N ALA A 99 24.36 -12.22 15.86
CA ALA A 99 25.56 -12.34 15.05
C ALA A 99 26.78 -11.76 15.74
N THR A 100 27.90 -12.49 15.68
CA THR A 100 29.16 -11.97 16.19
C THR A 100 30.17 -11.76 15.08
N ASP A 101 29.79 -11.95 13.82
CA ASP A 101 30.61 -11.63 12.68
C ASP A 101 30.13 -10.30 12.10
N LYS A 102 31.00 -9.30 12.09
CA LYS A 102 30.53 -7.96 11.70
C LYS A 102 30.08 -7.92 10.25
N GLU A 103 30.65 -8.77 9.40
CA GLU A 103 30.21 -8.85 8.00
C GLU A 103 28.73 -9.22 7.91
N LEU A 104 28.27 -10.11 8.78
CA LEU A 104 26.88 -10.55 8.75
C LEU A 104 25.95 -9.44 9.23
N VAL A 105 26.35 -8.71 10.29
CA VAL A 105 25.53 -7.59 10.75
C VAL A 105 25.41 -6.53 9.65
N ILE A 106 26.52 -6.24 8.96
CA ILE A 106 26.45 -5.23 7.91
C ILE A 106 25.52 -5.69 6.80
N TYR A 107 25.62 -6.96 6.42
CA TYR A 107 24.80 -7.49 5.35
C TYR A 107 23.30 -7.32 5.66
N ILE A 108 22.91 -7.61 6.90
CA ILE A 108 21.52 -7.47 7.34
C ILE A 108 21.09 -6.01 7.36
N VAL A 109 21.93 -5.13 7.92
CA VAL A 109 21.64 -3.70 7.89
C VAL A 109 21.34 -3.22 6.46
N LYS A 110 22.13 -3.69 5.49
CA LYS A 110 21.93 -3.25 4.10
C LYS A 110 20.65 -3.83 3.50
N ILE A 111 20.30 -5.07 3.86
CA ILE A 111 19.02 -5.65 3.45
C ILE A 111 17.86 -4.81 3.99
N LEU A 112 17.93 -4.46 5.28
CA LEU A 112 16.87 -3.65 5.87
C LEU A 112 16.80 -2.26 5.23
N ALA A 113 17.97 -1.65 4.98
CA ALA A 113 18.00 -0.31 4.38
C ALA A 113 17.36 -0.32 3.02
N GLU A 114 17.71 -1.32 2.21
CA GLU A 114 17.17 -1.46 0.87
C GLU A 114 15.66 -1.72 0.90
N LEU A 115 15.18 -2.59 1.80
CA LEU A 115 13.75 -2.82 1.93
C LEU A 115 13.03 -1.52 2.27
N ALA A 116 13.55 -0.77 3.25
CA ALA A 116 12.92 0.47 3.67
C ALA A 116 12.92 1.52 2.55
N LYS A 117 14.04 1.68 1.85
CA LYS A 117 14.11 2.74 0.85
C LYS A 117 13.18 2.46 -0.33
N GLN A 118 12.88 1.19 -0.61
CA GLN A 118 12.02 0.86 -1.73
C GLN A 118 10.55 0.78 -1.34
N SER A 119 10.23 0.74 -0.06
CA SER A 119 8.85 0.46 0.34
C SER A 119 7.98 1.71 0.27
N THR A 120 6.72 1.50 -0.09
CA THR A 120 5.69 2.52 0.01
C THR A 120 4.75 2.30 1.19
N ASP A 121 5.09 1.36 2.09
CA ASP A 121 4.26 1.07 3.26
C ASP A 121 4.89 1.80 4.46
N SER A 122 4.24 2.86 4.91
CA SER A 122 4.86 3.69 5.93
C SER A 122 4.99 2.96 7.26
N GLU A 123 4.02 2.07 7.59
CA GLU A 123 4.16 1.28 8.81
C GLU A 123 5.40 0.39 8.76
N LEU A 124 5.64 -0.24 7.61
CA LEU A 124 6.83 -1.07 7.48
C LEU A 124 8.12 -0.25 7.59
N VAL A 125 8.17 0.92 6.93
CA VAL A 125 9.41 1.69 6.98
C VAL A 125 9.69 2.12 8.42
N ASN A 126 8.63 2.45 9.15
CA ASN A 126 8.76 2.90 10.53
C ASN A 126 9.27 1.76 11.42
N GLU A 127 8.80 0.55 11.18
CA GLU A 127 9.33 -0.61 11.89
C GLU A 127 10.82 -0.84 11.55
N ILE A 128 11.19 -0.69 10.28
CA ILE A 128 12.58 -0.91 9.91
C ILE A 128 13.49 0.16 10.52
N VAL A 129 13.02 1.41 10.55
CA VAL A 129 13.74 2.47 11.27
C VAL A 129 14.07 2.05 12.69
N LYS A 130 13.06 1.53 13.41
CA LYS A 130 13.29 1.13 14.80
C LYS A 130 14.27 -0.04 14.91
N GLN A 131 14.22 -0.98 13.96
CA GLN A 131 15.15 -2.11 14.01
C GLN A 131 16.56 -1.66 13.69
N LEU A 132 16.74 -0.75 12.73
CA LEU A 132 18.07 -0.25 12.44
C LEU A 132 18.64 0.53 13.62
N ALA A 133 17.80 1.33 14.28
CA ALA A 133 18.30 2.11 15.41
C ALA A 133 18.74 1.19 16.56
N GLU A 134 17.98 0.11 16.76
CA GLU A 134 18.34 -0.93 17.72
C GLU A 134 19.73 -1.51 17.46
N VAL A 135 20.02 -1.87 16.19
CA VAL A 135 21.37 -2.34 15.86
C VAL A 135 22.40 -1.27 16.20
N ALA A 136 22.13 0.01 15.87
CA ALA A 136 23.07 1.08 16.18
C ALA A 136 23.27 1.26 17.69
N LYS A 137 22.20 1.10 18.48
CA LYS A 137 22.32 1.26 19.93
C LYS A 137 23.15 0.15 20.55
N GLU A 138 23.11 -1.05 20.00
CA GLU A 138 23.89 -2.17 20.52
C GLU A 138 25.33 -2.17 20.04
N ALA A 139 25.62 -1.49 18.92
CA ALA A 139 26.95 -1.58 18.32
C ALA A 139 28.04 -1.03 19.22
N THR A 140 29.20 -1.66 19.18
CA THR A 140 30.36 -1.17 19.91
C THR A 140 31.47 -0.75 18.94
N ASP A 141 31.07 -0.30 17.76
CA ASP A 141 31.98 0.09 16.68
C ASP A 141 31.42 1.39 16.12
N LYS A 142 32.15 2.49 16.27
CA LYS A 142 31.62 3.79 15.85
C LYS A 142 31.40 3.87 14.34
N GLU A 143 32.15 3.10 13.56
CA GLU A 143 31.96 3.12 12.11
C GLU A 143 30.62 2.49 11.72
N LEU A 144 30.22 1.44 12.40
CA LEU A 144 28.90 0.86 12.18
C LEU A 144 27.80 1.80 12.64
N VAL A 145 27.97 2.46 13.79
CA VAL A 145 26.94 3.37 14.28
C VAL A 145 26.73 4.50 13.28
N ILE A 146 27.81 5.13 12.81
CA ILE A 146 27.63 6.29 11.94
C ILE A 146 27.08 5.86 10.58
N TYR A 147 27.38 4.63 10.16
CA TYR A 147 26.83 4.09 8.92
C TYR A 147 25.31 4.01 9.00
N ILE A 148 24.79 3.41 10.08
CA ILE A 148 23.34 3.30 10.29
C ILE A 148 22.70 4.67 10.44
N VAL A 149 23.33 5.57 11.23
CA VAL A 149 22.79 6.92 11.38
C VAL A 149 22.61 7.61 10.02
N LYS A 150 23.60 7.46 9.13
CA LYS A 150 23.50 8.07 7.81
C LYS A 150 22.44 7.40 6.94
N ILE A 151 22.25 6.08 7.08
CA ILE A 151 21.13 5.42 6.40
C ILE A 151 19.80 6.02 6.86
N LEU A 152 19.63 6.22 8.17
CA LEU A 152 18.39 6.82 8.67
C LEU A 152 18.23 8.26 8.19
N ALA A 153 19.33 9.02 8.16
CA ALA A 153 19.26 10.38 7.64
C ALA A 153 18.86 10.38 6.17
N GLU A 154 19.33 9.40 5.41
CA GLU A 154 18.93 9.31 4.00
C GLU A 154 17.44 9.02 3.86
N LEU A 155 16.93 8.08 4.66
CA LEU A 155 15.49 7.82 4.66
C LEU A 155 14.70 9.08 5.00
N ALA A 156 15.16 9.87 5.96
CA ALA A 156 14.44 11.07 6.34
C ALA A 156 14.44 12.09 5.21
N LYS A 157 15.59 12.29 4.56
CA LYS A 157 15.63 13.30 3.51
C LYS A 157 14.94 12.85 2.23
N GLN A 158 14.84 11.55 2.00
CA GLN A 158 14.11 11.05 0.85
C GLN A 158 12.60 10.98 1.09
N SER A 159 12.14 11.23 2.32
CA SER A 159 10.72 11.13 2.62
C SER A 159 10.09 12.53 2.56
N THR A 160 8.86 12.59 2.09
CA THR A 160 8.07 13.81 2.23
C THR A 160 7.05 13.67 3.36
N ASP A 161 7.17 12.63 4.20
CA ASP A 161 6.25 12.39 5.31
C ASP A 161 6.87 12.94 6.59
N SER A 162 6.32 14.05 7.07
CA SER A 162 6.89 14.68 8.26
C SER A 162 6.83 13.77 9.49
N GLU A 163 5.90 12.81 9.51
CA GLU A 163 5.81 11.92 10.68
C GLU A 163 6.96 10.92 10.70
N LEU A 164 7.35 10.41 9.53
CA LEU A 164 8.55 9.58 9.43
C LEU A 164 9.79 10.35 9.84
N VAL A 165 9.93 11.59 9.39
CA VAL A 165 11.11 12.37 9.75
C VAL A 165 11.18 12.54 11.26
N ASN A 166 10.06 12.86 11.89
CA ASN A 166 10.06 13.08 13.34
C ASN A 166 10.43 11.80 14.10
N GLU A 167 9.99 10.63 13.61
CA GLU A 167 10.35 9.39 14.29
C GLU A 167 11.84 9.09 14.14
N ILE A 168 12.40 9.35 12.95
CA ILE A 168 13.84 9.18 12.73
C ILE A 168 14.64 10.11 13.64
N VAL A 169 14.22 11.38 13.72
CA VAL A 169 14.90 12.31 14.61
C VAL A 169 14.88 11.81 16.05
N LYS A 170 13.73 11.33 16.50
CA LYS A 170 13.64 10.81 17.86
C LYS A 170 14.54 9.59 18.05
N GLN A 171 14.59 8.68 17.06
CA GLN A 171 15.48 7.53 17.16
C GLN A 171 16.93 7.96 17.20
N LEU A 172 17.30 8.93 16.36
CA LEU A 172 18.69 9.39 16.33
C LEU A 172 19.07 10.05 17.65
N GLU A 173 18.14 10.77 18.27
CA GLU A 173 18.46 11.34 19.58
C GLU A 173 18.77 10.24 20.61
N GLU A 174 18.06 9.12 20.54
CA GLU A 174 18.34 8.07 21.50
C GLU A 174 19.64 7.36 21.17
N VAL A 175 19.97 7.24 19.88
CA VAL A 175 21.22 6.61 19.52
C VAL A 175 22.38 7.48 20.02
N ALA A 176 22.30 8.81 19.83
CA ALA A 176 23.31 9.71 20.39
C ALA A 176 23.41 9.59 21.91
N LYS A 177 22.29 9.46 22.59
CA LYS A 177 22.31 9.29 24.03
C LYS A 177 23.09 8.04 24.46
N GLU A 178 22.90 6.93 23.75
CA GLU A 178 23.48 5.64 24.14
C GLU A 178 24.90 5.42 23.62
N ALA A 179 25.35 6.21 22.65
CA ALA A 179 26.71 6.10 22.11
C ALA A 179 27.72 6.70 23.07
N THR A 180 28.92 6.11 23.12
CA THR A 180 29.86 6.48 24.15
C THR A 180 31.05 7.28 23.64
N ASP A 181 31.23 7.45 22.33
CA ASP A 181 32.38 8.19 21.81
C ASP A 181 31.97 9.64 21.59
N LYS A 182 32.70 10.56 22.21
CA LYS A 182 32.30 11.97 22.20
C LYS A 182 32.25 12.53 20.77
N GLU A 183 33.25 12.23 19.95
CA GLU A 183 33.23 12.73 18.58
C GLU A 183 32.06 12.14 17.78
N LEU A 184 31.79 10.85 17.99
CA LEU A 184 30.64 10.22 17.33
C LEU A 184 29.33 10.89 17.73
N VAL A 185 29.17 11.17 19.03
CA VAL A 185 27.94 11.82 19.52
C VAL A 185 27.78 13.20 18.89
N GLU A 186 28.86 13.97 18.82
CA GLU A 186 28.77 15.31 18.20
C GLU A 186 28.42 15.18 16.73
N HIS A 187 28.95 14.17 16.06
CA HIS A 187 28.59 13.95 14.67
C HIS A 187 27.11 13.63 14.52
N ILE A 188 26.58 12.73 15.36
CA ILE A 188 25.17 12.39 15.26
C ILE A 188 24.32 13.62 15.52
N GLU A 189 24.69 14.41 16.54
CA GLU A 189 23.90 15.59 16.85
C GLU A 189 23.94 16.60 15.72
N LYS A 190 25.04 16.62 14.96
CA LYS A 190 25.07 17.53 13.82
C LYS A 190 24.15 17.05 12.70
N ILE A 191 24.10 15.73 12.46
CA ILE A 191 23.18 15.20 11.47
C ILE A 191 21.73 15.46 11.90
N LEU A 192 21.48 15.33 13.19
CA LEU A 192 20.18 15.59 13.78
C LEU A 192 19.67 16.99 13.48
N GLU A 193 20.48 18.01 13.78
CA GLU A 193 20.03 19.38 13.59
C GLU A 193 19.76 19.66 12.12
N GLU A 194 20.50 19.00 11.23
CA GLU A 194 20.26 19.16 9.80
C GLU A 194 18.86 18.65 9.43
N LEU A 195 18.48 17.49 9.97
CA LEU A 195 17.15 16.93 9.71
C LEU A 195 16.06 17.78 10.31
N LYS A 196 16.30 18.39 11.48
CA LYS A 196 15.28 19.25 12.08
C LYS A 196 14.99 20.50 11.26
N LYS A 197 15.92 20.93 10.40
CA LYS A 197 15.68 22.07 9.51
C LYS A 197 14.88 21.70 8.24
N ILE B 6 -22.81 -30.87 -5.82
CA ILE B 6 -21.75 -29.98 -6.32
C ILE B 6 -22.36 -28.66 -6.79
N PRO B 7 -21.77 -27.54 -6.41
CA PRO B 7 -22.30 -26.22 -6.81
C PRO B 7 -22.01 -25.94 -8.27
N PRO B 8 -22.83 -25.11 -8.92
CA PRO B 8 -22.68 -24.90 -10.36
C PRO B 8 -21.37 -24.20 -10.70
N GLY B 9 -20.64 -24.78 -11.65
CA GLY B 9 -19.43 -24.20 -12.17
C GLY B 9 -18.16 -24.72 -11.54
N LEU B 10 -18.26 -25.51 -10.47
CA LEU B 10 -17.05 -25.98 -9.80
C LEU B 10 -16.20 -26.83 -10.73
N THR B 11 -16.83 -27.79 -11.43
CA THR B 11 -16.08 -28.68 -12.30
C THR B 11 -15.34 -27.91 -13.39
N GLU B 12 -16.02 -26.97 -14.04
CA GLU B 12 -15.40 -26.20 -15.12
C GLU B 12 -14.30 -25.29 -14.58
N LEU B 13 -14.49 -24.74 -13.38
CA LEU B 13 -13.49 -23.86 -12.80
C LEU B 13 -12.19 -24.62 -12.56
N LEU B 14 -12.29 -25.82 -11.98
CA LEU B 14 -11.10 -26.61 -11.67
C LEU B 14 -10.47 -27.19 -12.93
N GLN B 15 -11.28 -27.50 -13.94
CA GLN B 15 -10.73 -27.96 -15.22
C GLN B 15 -9.91 -26.86 -15.90
N GLY B 16 -10.37 -25.60 -15.81
CA GLY B 16 -9.61 -24.50 -16.39
C GLY B 16 -8.27 -24.31 -15.72
N TYR B 17 -8.22 -24.39 -14.39
CA TYR B 17 -6.96 -24.31 -13.69
C TYR B 17 -6.07 -25.51 -14.04
N THR B 18 -6.66 -26.69 -14.18
CA THR B 18 -5.89 -27.88 -14.53
C THR B 18 -5.22 -27.76 -15.90
N VAL B 19 -5.94 -27.23 -16.89
CA VAL B 19 -5.34 -27.03 -18.22
C VAL B 19 -4.08 -26.19 -18.11
N GLU B 20 -4.16 -25.08 -17.39
CA GLU B 20 -3.01 -24.18 -17.33
C GLU B 20 -1.88 -24.78 -16.51
N VAL B 21 -2.20 -25.58 -15.49
CA VAL B 21 -1.16 -26.32 -14.78
C VAL B 21 -0.43 -27.27 -15.73
N LEU B 22 -1.18 -27.99 -16.56
CA LEU B 22 -0.56 -28.94 -17.47
C LEU B 22 0.19 -28.24 -18.60
N ARG B 23 -0.29 -27.08 -19.05
CA ARG B 23 0.44 -26.34 -20.07
C ARG B 23 1.72 -25.74 -19.52
N GLN B 24 1.62 -24.98 -18.45
CA GLN B 24 2.75 -24.16 -18.03
C GLN B 24 3.68 -24.85 -17.06
N GLN B 25 3.27 -26.00 -16.50
CA GLN B 25 4.09 -26.78 -15.58
C GLN B 25 4.75 -25.92 -14.49
N PRO B 26 3.96 -25.23 -13.67
CA PRO B 26 4.55 -24.37 -12.64
C PRO B 26 5.20 -25.19 -11.56
N PRO B 27 6.36 -24.75 -11.03
CA PRO B 27 7.00 -25.50 -9.94
C PRO B 27 6.20 -25.45 -8.63
N ASP B 28 5.35 -24.45 -8.43
CA ASP B 28 4.63 -24.27 -7.18
C ASP B 28 3.15 -24.11 -7.51
N LEU B 29 2.36 -25.15 -7.23
CA LEU B 29 0.97 -25.16 -7.63
C LEU B 29 0.13 -24.21 -6.81
N VAL B 30 0.50 -23.96 -5.56
CA VAL B 30 -0.28 -23.03 -4.75
C VAL B 30 -0.02 -21.59 -5.19
N GLU B 31 1.25 -21.25 -5.42
CA GLU B 31 1.57 -19.95 -5.99
C GLU B 31 0.83 -19.76 -7.30
N PHE B 32 0.86 -20.78 -8.15
CA PHE B 32 0.21 -20.65 -9.45
C PHE B 32 -1.30 -20.51 -9.31
N ALA B 33 -1.89 -21.21 -8.35
CA ALA B 33 -3.32 -21.04 -8.08
C ALA B 33 -3.65 -19.62 -7.67
N VAL B 34 -2.84 -19.02 -6.78
CA VAL B 34 -3.15 -17.65 -6.40
C VAL B 34 -3.10 -16.74 -7.63
N GLU B 35 -2.09 -16.92 -8.48
CA GLU B 35 -1.97 -16.12 -9.69
C GLU B 35 -3.15 -16.35 -10.62
N TYR B 36 -3.50 -17.61 -10.85
CA TYR B 36 -4.55 -17.97 -11.80
C TYR B 36 -5.91 -17.42 -11.36
N PHE B 37 -6.29 -17.65 -10.11
CA PHE B 37 -7.61 -17.22 -9.69
C PHE B 37 -7.68 -15.71 -9.46
N THR B 38 -6.56 -15.07 -9.12
CA THR B 38 -6.56 -13.62 -9.05
C THR B 38 -6.78 -13.00 -10.42
N ARG B 39 -6.14 -13.56 -11.43
CA ARG B 39 -6.37 -13.07 -12.79
C ARG B 39 -7.83 -13.23 -13.20
N LEU B 40 -8.43 -14.41 -12.96
CA LEU B 40 -9.84 -14.59 -13.29
C LEU B 40 -10.73 -13.63 -12.52
N ARG B 41 -10.47 -13.46 -11.23
CA ARG B 41 -11.25 -12.49 -10.47
C ARG B 41 -11.11 -11.10 -11.06
N SER B 42 -9.87 -10.71 -11.40
CA SER B 42 -9.63 -9.38 -11.96
C SER B 42 -10.33 -9.22 -13.31
N GLU B 43 -10.24 -10.23 -14.17
CA GLU B 43 -10.93 -10.15 -15.46
C GLU B 43 -12.44 -9.99 -15.27
N ARG B 44 -13.02 -10.72 -14.30
CA ARG B 44 -14.47 -10.66 -14.14
C ARG B 44 -14.93 -9.32 -13.57
N VAL B 45 -14.21 -8.78 -12.57
CA VAL B 45 -14.63 -7.51 -12.02
C VAL B 45 -14.37 -6.37 -13.01
N ASN B 46 -13.27 -6.43 -13.77
CA ASN B 46 -13.02 -5.42 -14.79
C ASN B 46 -14.17 -5.39 -15.80
N GLU B 47 -14.68 -6.56 -16.16
CA GLU B 47 -15.79 -6.62 -17.11
C GLU B 47 -17.07 -6.10 -16.49
N ARG B 48 -17.30 -6.40 -15.20
CA ARG B 48 -18.46 -5.84 -14.51
C ARG B 48 -18.43 -4.31 -14.51
N VAL B 49 -17.27 -3.73 -14.20
CA VAL B 49 -17.16 -2.27 -14.18
C VAL B 49 -17.41 -1.68 -15.56
N LYS B 50 -16.87 -2.33 -16.60
CA LYS B 50 -17.09 -1.82 -17.95
C LYS B 50 -18.57 -1.87 -18.32
N GLN B 51 -19.28 -2.94 -17.97
CA GLN B 51 -20.72 -3.00 -18.26
C GLN B 51 -21.53 -2.04 -17.39
N LEU B 52 -21.12 -1.80 -16.14
CA LEU B 52 -21.81 -0.78 -15.35
C LEU B 52 -21.64 0.60 -15.99
N ALA B 53 -20.44 0.92 -16.46
CA ALA B 53 -20.20 2.21 -17.10
C ALA B 53 -21.04 2.36 -18.37
N GLU B 54 -21.13 1.29 -19.17
CA GLU B 54 -21.97 1.35 -20.36
C GLU B 54 -23.43 1.54 -19.99
N LYS B 55 -23.89 0.80 -18.97
CA LYS B 55 -25.27 0.93 -18.52
C LYS B 55 -25.56 2.34 -17.99
N ALA B 56 -24.62 2.93 -17.25
CA ALA B 56 -24.84 4.29 -16.76
C ALA B 56 -24.95 5.28 -17.91
N LYS B 57 -24.19 5.05 -18.98
CA LYS B 57 -24.21 5.97 -20.12
C LYS B 57 -25.51 5.84 -20.90
N GLU B 58 -26.06 4.62 -20.98
CA GLU B 58 -27.31 4.43 -21.70
C GLU B 58 -28.54 4.71 -20.84
N ALA B 59 -28.40 4.76 -19.52
CA ALA B 59 -29.55 4.96 -18.65
C ALA B 59 -30.29 6.25 -18.98
N THR B 60 -31.61 6.19 -18.85
CA THR B 60 -32.44 7.35 -19.14
C THR B 60 -33.08 7.97 -17.89
N ASP B 61 -32.78 7.50 -16.69
CA ASP B 61 -33.33 8.10 -15.47
C ASP B 61 -32.29 8.02 -14.35
N LYS B 62 -32.25 9.06 -13.52
CA LYS B 62 -31.24 9.14 -12.46
C LYS B 62 -31.32 7.97 -11.47
N GLU B 63 -32.50 7.39 -11.27
CA GLU B 63 -32.64 6.30 -10.31
C GLU B 63 -31.80 5.10 -10.73
N GLU B 64 -31.80 4.79 -12.03
CA GLU B 64 -30.96 3.70 -12.51
C GLU B 64 -29.49 4.05 -12.36
N VAL B 65 -29.12 5.31 -12.64
CA VAL B 65 -27.71 5.70 -12.49
C VAL B 65 -27.30 5.62 -11.03
N ILE B 66 -28.18 6.03 -10.11
CA ILE B 66 -27.85 6.01 -8.68
C ILE B 66 -27.59 4.58 -8.23
N GLU B 67 -28.36 3.63 -8.72
CA GLU B 67 -28.10 2.24 -8.36
C GLU B 67 -26.76 1.77 -8.90
N ILE B 68 -26.37 2.23 -10.10
CA ILE B 68 -25.08 1.85 -10.66
C ILE B 68 -23.94 2.43 -9.83
N VAL B 69 -24.03 3.72 -9.50
CA VAL B 69 -23.05 4.38 -8.63
C VAL B 69 -22.90 3.65 -7.29
N LYS B 70 -24.01 3.22 -6.71
CA LYS B 70 -23.91 2.50 -5.43
C LYS B 70 -23.12 1.21 -5.59
N GLU B 71 -23.33 0.49 -6.69
CA GLU B 71 -22.62 -0.77 -6.86
C GLU B 71 -21.13 -0.52 -7.12
N LEU B 72 -20.82 0.52 -7.91
CA LEU B 72 -19.43 0.92 -8.12
C LEU B 72 -18.77 1.32 -6.81
N ALA B 73 -19.47 2.08 -5.96
CA ALA B 73 -18.87 2.51 -4.71
C ALA B 73 -18.53 1.32 -3.82
N GLU B 74 -19.41 0.31 -3.78
CA GLU B 74 -19.15 -0.84 -2.92
C GLU B 74 -18.07 -1.75 -3.52
N LEU B 75 -18.00 -1.88 -4.86
CA LEU B 75 -16.87 -2.59 -5.45
C LEU B 75 -15.55 -1.93 -5.09
N ALA B 76 -15.49 -0.59 -5.17
CA ALA B 76 -14.26 0.11 -4.84
C ALA B 76 -13.88 -0.10 -3.37
N LYS B 77 -14.88 -0.05 -2.47
CA LYS B 77 -14.59 -0.18 -1.05
C LYS B 77 -14.06 -1.57 -0.71
N GLN B 78 -14.59 -2.61 -1.35
CA GLN B 78 -14.19 -3.96 -1.01
C GLN B 78 -12.93 -4.43 -1.72
N SER B 79 -12.45 -3.68 -2.72
CA SER B 79 -11.25 -4.11 -3.43
C SER B 79 -9.98 -3.66 -2.70
N THR B 80 -8.93 -4.47 -2.82
CA THR B 80 -7.60 -4.06 -2.42
C THR B 80 -6.69 -3.83 -3.62
N ASP B 81 -7.25 -3.86 -4.83
CA ASP B 81 -6.51 -3.70 -6.08
C ASP B 81 -6.51 -2.22 -6.46
N SER B 82 -5.37 -1.55 -6.28
CA SER B 82 -5.30 -0.12 -6.56
C SER B 82 -5.65 0.19 -8.01
N GLU B 83 -5.29 -0.70 -8.95
CA GLU B 83 -5.63 -0.46 -10.35
C GLU B 83 -7.14 -0.47 -10.58
N LEU B 84 -7.86 -1.38 -9.93
CA LEU B 84 -9.30 -1.43 -10.10
C LEU B 84 -9.96 -0.21 -9.49
N VAL B 85 -9.55 0.17 -8.28
CA VAL B 85 -10.16 1.32 -7.64
C VAL B 85 -9.92 2.58 -8.47
N ASN B 86 -8.72 2.69 -9.04
CA ASN B 86 -8.42 3.83 -9.89
C ASN B 86 -9.34 3.85 -11.10
N GLU B 87 -9.59 2.68 -11.70
CA GLU B 87 -10.50 2.60 -12.83
C GLU B 87 -11.95 2.93 -12.44
N ILE B 88 -12.38 2.50 -11.25
CA ILE B 88 -13.73 2.83 -10.80
C ILE B 88 -13.87 4.34 -10.56
N VAL B 89 -12.82 4.96 -9.99
CA VAL B 89 -12.83 6.41 -9.79
C VAL B 89 -12.97 7.14 -11.13
N LYS B 90 -12.25 6.68 -12.14
CA LYS B 90 -12.41 7.27 -13.48
C LYS B 90 -13.84 7.13 -14.00
N GLN B 91 -14.51 5.98 -13.73
CA GLN B 91 -15.86 5.78 -14.23
C GLN B 91 -16.89 6.59 -13.46
N LEU B 92 -16.68 6.73 -12.14
CA LEU B 92 -17.51 7.63 -11.34
C LEU B 92 -17.33 9.07 -11.80
N ALA B 93 -16.10 9.45 -12.14
CA ALA B 93 -15.86 10.82 -12.62
C ALA B 93 -16.64 11.08 -13.90
N GLU B 94 -16.68 10.08 -14.80
CA GLU B 94 -17.46 10.26 -16.03
C GLU B 94 -18.95 10.38 -15.75
N VAL B 95 -19.46 9.60 -14.79
CA VAL B 95 -20.87 9.70 -14.42
C VAL B 95 -21.16 11.07 -13.84
N ALA B 96 -20.27 11.60 -13.01
CA ALA B 96 -20.50 12.93 -12.43
C ALA B 96 -20.48 14.00 -13.53
N LYS B 97 -19.60 13.86 -14.51
CA LYS B 97 -19.53 14.81 -15.62
C LYS B 97 -20.83 14.83 -16.43
N GLU B 98 -21.39 13.65 -16.69
CA GLU B 98 -22.64 13.52 -17.46
C GLU B 98 -23.86 13.96 -16.66
N ALA B 99 -23.79 13.90 -15.34
CA ALA B 99 -24.98 14.08 -14.49
C ALA B 99 -25.52 15.51 -14.56
N THR B 100 -26.83 15.62 -14.71
CA THR B 100 -27.48 16.92 -14.65
C THR B 100 -28.40 17.06 -13.45
N ASP B 101 -28.42 16.06 -12.57
CA ASP B 101 -29.12 16.12 -11.30
C ASP B 101 -28.09 16.43 -10.22
N LYS B 102 -28.24 17.56 -9.54
CA LYS B 102 -27.17 17.95 -8.64
C LYS B 102 -27.02 17.00 -7.45
N GLU B 103 -28.10 16.32 -7.03
CA GLU B 103 -27.95 15.36 -5.93
C GLU B 103 -26.98 14.24 -6.30
N LEU B 104 -27.00 13.83 -7.57
CA LEU B 104 -26.14 12.74 -8.02
C LEU B 104 -24.68 13.18 -8.05
N VAL B 105 -24.41 14.41 -8.51
CA VAL B 105 -23.05 14.92 -8.48
C VAL B 105 -22.54 14.99 -7.05
N ILE B 106 -23.37 15.45 -6.11
CA ILE B 106 -22.94 15.53 -4.72
C ILE B 106 -22.65 14.14 -4.18
N TYR B 107 -23.50 13.19 -4.51
CA TYR B 107 -23.31 11.81 -4.05
C TYR B 107 -21.95 11.27 -4.51
N ILE B 108 -21.61 11.50 -5.77
CA ILE B 108 -20.32 11.03 -6.31
C ILE B 108 -19.15 11.73 -5.63
N VAL B 109 -19.24 13.06 -5.48
CA VAL B 109 -18.19 13.82 -4.77
C VAL B 109 -17.93 13.22 -3.40
N LYS B 110 -19.00 12.85 -2.67
CA LYS B 110 -18.83 12.31 -1.32
C LYS B 110 -18.23 10.91 -1.33
N ILE B 111 -18.57 10.08 -2.34
CA ILE B 111 -17.93 8.78 -2.49
C ILE B 111 -16.43 8.94 -2.72
N LEU B 112 -16.05 9.87 -3.60
CA LEU B 112 -14.64 10.11 -3.89
C LEU B 112 -13.93 10.65 -2.66
N ALA B 113 -14.58 11.56 -1.94
CA ALA B 113 -13.98 12.15 -0.75
C ALA B 113 -13.72 11.09 0.30
N GLU B 114 -14.71 10.22 0.53
CA GLU B 114 -14.53 9.15 1.51
C GLU B 114 -13.46 8.16 1.08
N LEU B 115 -13.42 7.80 -0.21
CA LEU B 115 -12.35 6.92 -0.69
C LEU B 115 -10.97 7.52 -0.44
N ALA B 116 -10.79 8.81 -0.78
CA ALA B 116 -9.49 9.46 -0.60
C ALA B 116 -9.11 9.58 0.87
N LYS B 117 -10.05 9.96 1.74
CA LYS B 117 -9.69 10.16 3.14
C LYS B 117 -9.31 8.86 3.81
N GLN B 118 -9.83 7.73 3.32
CA GLN B 118 -9.52 6.46 3.93
C GLN B 118 -8.31 5.76 3.32
N SER B 119 -7.83 6.21 2.16
CA SER B 119 -6.81 5.45 1.45
C SER B 119 -5.41 5.72 2.02
N THR B 120 -4.58 4.67 2.01
CA THR B 120 -3.16 4.80 2.29
C THR B 120 -2.32 4.76 1.01
N ASP B 121 -2.96 4.81 -0.16
CA ASP B 121 -2.27 4.77 -1.45
C ASP B 121 -2.19 6.20 -1.97
N SER B 122 -0.97 6.77 -1.95
CA SER B 122 -0.84 8.19 -2.28
C SER B 122 -1.11 8.45 -3.75
N GLU B 123 -0.78 7.51 -4.65
CA GLU B 123 -1.11 7.70 -6.05
C GLU B 123 -2.62 7.78 -6.25
N LEU B 124 -3.38 6.92 -5.57
CA LEU B 124 -4.83 6.98 -5.67
C LEU B 124 -5.37 8.28 -5.11
N VAL B 125 -4.86 8.73 -3.95
CA VAL B 125 -5.39 9.96 -3.37
C VAL B 125 -5.11 11.15 -4.30
N ASN B 126 -3.95 11.15 -4.94
CA ASN B 126 -3.59 12.24 -5.84
C ASN B 126 -4.51 12.27 -7.06
N GLU B 127 -4.83 11.09 -7.58
CA GLU B 127 -5.78 11.02 -8.70
C GLU B 127 -7.16 11.51 -8.29
N ILE B 128 -7.62 11.13 -7.09
CA ILE B 128 -8.94 11.57 -6.66
C ILE B 128 -8.99 13.08 -6.45
N VAL B 129 -7.93 13.64 -5.87
CA VAL B 129 -7.80 15.11 -5.76
C VAL B 129 -8.01 15.77 -7.13
N LYS B 130 -7.36 15.24 -8.17
CA LYS B 130 -7.51 15.81 -9.51
C LYS B 130 -8.94 15.66 -10.03
N GLN B 131 -9.61 14.54 -9.71
CA GLN B 131 -10.99 14.36 -10.17
C GLN B 131 -11.95 15.28 -9.43
N LEU B 132 -11.74 15.46 -8.13
CA LEU B 132 -12.58 16.41 -7.38
C LEU B 132 -12.39 17.83 -7.91
N ALA B 133 -11.15 18.20 -8.23
CA ALA B 133 -10.89 19.56 -8.74
C ALA B 133 -11.56 19.78 -10.10
N GLU B 134 -11.55 18.75 -10.96
CA GLU B 134 -12.27 18.82 -12.23
C GLU B 134 -13.76 19.10 -12.03
N VAL B 135 -14.41 18.39 -11.11
CA VAL B 135 -15.83 18.67 -10.83
C VAL B 135 -15.99 20.11 -10.37
N ALA B 136 -15.10 20.61 -9.50
CA ALA B 136 -15.20 21.99 -9.04
C ALA B 136 -15.00 22.99 -10.18
N LYS B 137 -14.09 22.69 -11.12
CA LYS B 137 -13.86 23.59 -12.24
C LYS B 137 -15.06 23.64 -13.20
N GLU B 138 -15.81 22.54 -13.33
CA GLU B 138 -16.96 22.51 -14.22
C GLU B 138 -18.22 23.08 -13.56
N ALA B 139 -18.26 23.13 -12.23
CA ALA B 139 -19.47 23.49 -11.50
C ALA B 139 -19.90 24.94 -11.77
N THR B 140 -21.21 25.15 -11.88
CA THR B 140 -21.74 26.50 -12.05
C THR B 140 -22.58 26.89 -10.85
N ASP B 141 -22.20 26.37 -9.69
CA ASP B 141 -22.90 26.60 -8.44
C ASP B 141 -21.82 26.85 -7.38
N LYS B 142 -21.77 28.07 -6.84
CA LYS B 142 -20.68 28.39 -5.92
C LYS B 142 -20.73 27.54 -4.64
N GLU B 143 -21.92 27.06 -4.26
CA GLU B 143 -22.01 26.21 -3.07
C GLU B 143 -21.36 24.85 -3.29
N LEU B 144 -21.50 24.27 -4.48
CA LEU B 144 -20.79 23.04 -4.80
C LEU B 144 -19.27 23.27 -4.87
N VAL B 145 -18.85 24.40 -5.48
CA VAL B 145 -17.41 24.66 -5.59
C VAL B 145 -16.77 24.77 -4.20
N ILE B 146 -17.37 25.56 -3.31
CA ILE B 146 -16.71 25.77 -2.03
C ILE B 146 -16.76 24.48 -1.21
N TYR B 147 -17.77 23.63 -1.43
CA TYR B 147 -17.83 22.33 -0.75
C TYR B 147 -16.64 21.47 -1.14
N ILE B 148 -16.37 21.37 -2.44
CA ILE B 148 -15.23 20.57 -2.93
C ILE B 148 -13.91 21.14 -2.46
N VAL B 149 -13.75 22.48 -2.54
CA VAL B 149 -12.53 23.13 -2.06
C VAL B 149 -12.27 22.78 -0.59
N LYS B 150 -13.31 22.79 0.24
CA LYS B 150 -13.12 22.48 1.64
C LYS B 150 -12.77 21.01 1.82
N ILE B 151 -13.33 20.11 0.99
CA ILE B 151 -12.91 18.71 1.01
C ILE B 151 -11.41 18.58 0.71
N LEU B 152 -10.93 19.30 -0.30
CA LEU B 152 -9.51 19.25 -0.64
C LEU B 152 -8.65 19.84 0.48
N ALA B 153 -9.12 20.92 1.09
CA ALA B 153 -8.40 21.51 2.23
C ALA B 153 -8.33 20.52 3.40
N GLU B 154 -9.40 19.76 3.61
CA GLU B 154 -9.39 18.75 4.68
C GLU B 154 -8.37 17.65 4.39
N LEU B 155 -8.34 17.17 3.14
CA LEU B 155 -7.33 16.19 2.74
C LEU B 155 -5.93 16.71 2.97
N ALA B 156 -5.70 17.98 2.66
CA ALA B 156 -4.38 18.56 2.83
C ALA B 156 -4.01 18.67 4.30
N LYS B 157 -4.95 19.12 5.14
CA LYS B 157 -4.60 19.27 6.56
C LYS B 157 -4.50 17.94 7.28
N GLN B 158 -5.18 16.90 6.78
CA GLN B 158 -5.02 15.58 7.38
C GLN B 158 -3.80 14.85 6.85
N SER B 159 -3.11 15.37 5.86
CA SER B 159 -1.93 14.67 5.33
C SER B 159 -0.66 15.19 6.00
N THR B 160 0.29 14.29 6.21
CA THR B 160 1.63 14.68 6.59
C THR B 160 2.60 14.61 5.41
N ASP B 161 2.07 14.41 4.19
CA ASP B 161 2.84 14.27 2.96
C ASP B 161 2.88 15.64 2.26
N SER B 162 4.05 16.28 2.30
CA SER B 162 4.15 17.62 1.72
C SER B 162 3.87 17.63 0.21
N GLU B 163 4.12 16.52 -0.48
CA GLU B 163 3.86 16.53 -1.93
C GLU B 163 2.37 16.51 -2.22
N LEU B 164 1.58 15.80 -1.41
CA LEU B 164 0.13 15.87 -1.56
C LEU B 164 -0.38 17.28 -1.28
N VAL B 165 0.13 17.93 -0.24
CA VAL B 165 -0.30 19.29 0.06
C VAL B 165 0.02 20.21 -1.11
N ASN B 166 1.22 20.08 -1.68
CA ASN B 166 1.61 20.93 -2.81
C ASN B 166 0.71 20.72 -4.02
N GLU B 167 0.31 19.47 -4.28
CA GLU B 167 -0.58 19.21 -5.41
C GLU B 167 -1.97 19.80 -5.16
N ILE B 168 -2.47 19.68 -3.93
CA ILE B 168 -3.76 20.26 -3.60
C ILE B 168 -3.73 21.78 -3.76
N VAL B 169 -2.67 22.44 -3.28
CA VAL B 169 -2.55 23.87 -3.44
C VAL B 169 -2.58 24.27 -4.92
N LYS B 170 -1.86 23.53 -5.75
CA LYS B 170 -1.86 23.81 -7.18
C LYS B 170 -3.25 23.63 -7.80
N GLN B 171 -3.99 22.59 -7.40
CA GLN B 171 -5.34 22.39 -7.93
C GLN B 171 -6.28 23.51 -7.46
N LEU B 172 -6.16 23.92 -6.20
CA LEU B 172 -7.02 25.00 -5.69
C LEU B 172 -6.73 26.31 -6.40
N GLU B 173 -5.46 26.57 -6.73
CA GLU B 173 -5.14 27.79 -7.47
C GLU B 173 -5.81 27.79 -8.83
N GLU B 174 -5.87 26.63 -9.49
CA GLU B 174 -6.54 26.59 -10.79
C GLU B 174 -8.05 26.69 -10.62
N VAL B 175 -8.61 26.13 -9.55
CA VAL B 175 -10.05 26.26 -9.34
C VAL B 175 -10.42 27.73 -9.13
N ALA B 176 -9.62 28.45 -8.34
CA ALA B 176 -9.84 29.87 -8.15
C ALA B 176 -9.74 30.64 -9.47
N LYS B 177 -8.80 30.27 -10.32
CA LYS B 177 -8.66 30.93 -11.61
C LYS B 177 -9.92 30.77 -12.49
N GLU B 178 -10.50 29.58 -12.48
CA GLU B 178 -11.62 29.25 -13.36
C GLU B 178 -12.98 29.63 -12.80
N ALA B 179 -13.06 29.91 -11.50
CA ALA B 179 -14.30 30.33 -10.84
C ALA B 179 -14.64 31.78 -11.18
N THR B 180 -15.93 32.08 -11.31
CA THR B 180 -16.31 33.37 -11.84
C THR B 180 -16.91 34.32 -10.80
N ASP B 181 -17.17 33.85 -9.57
CA ASP B 181 -17.79 34.71 -8.57
C ASP B 181 -16.69 35.32 -7.71
N LYS B 182 -16.69 36.65 -7.62
CA LYS B 182 -15.58 37.33 -6.97
C LYS B 182 -15.44 36.94 -5.50
N GLU B 183 -16.56 36.88 -4.77
CA GLU B 183 -16.48 36.48 -3.35
C GLU B 183 -16.01 35.03 -3.21
N LEU B 184 -16.48 34.15 -4.08
CA LEU B 184 -16.02 32.77 -4.05
C LEU B 184 -14.51 32.69 -4.28
N VAL B 185 -13.99 33.46 -5.24
CA VAL B 185 -12.55 33.40 -5.52
C VAL B 185 -11.75 33.85 -4.30
N GLU B 186 -12.18 34.93 -3.64
CA GLU B 186 -11.47 35.42 -2.46
C GLU B 186 -11.51 34.40 -1.34
N HIS B 187 -12.62 33.69 -1.22
CA HIS B 187 -12.75 32.63 -0.22
C HIS B 187 -11.76 31.50 -0.50
N ILE B 188 -11.66 31.08 -1.75
CA ILE B 188 -10.70 30.02 -2.10
C ILE B 188 -9.27 30.48 -1.84
N GLU B 189 -8.95 31.72 -2.22
CA GLU B 189 -7.60 32.20 -1.98
C GLU B 189 -7.29 32.30 -0.51
N LYS B 190 -8.32 32.53 0.31
CA LYS B 190 -8.09 32.56 1.75
C LYS B 190 -7.78 31.17 2.27
N ILE B 191 -8.51 30.15 1.80
CA ILE B 191 -8.22 28.76 2.17
C ILE B 191 -6.83 28.35 1.66
N LEU B 192 -6.50 28.81 0.44
CA LEU B 192 -5.19 28.55 -0.16
C LEU B 192 -4.06 29.03 0.72
N GLU B 193 -4.11 30.29 1.16
CA GLU B 193 -3.00 30.83 1.96
C GLU B 193 -2.85 30.07 3.26
N GLU B 194 -3.95 29.59 3.82
CA GLU B 194 -3.87 28.82 5.05
C GLU B 194 -3.09 27.53 4.84
N LEU B 195 -3.33 26.84 3.71
CA LEU B 195 -2.61 25.60 3.42
C LEU B 195 -1.13 25.88 3.15
N LYS B 196 -0.81 27.01 2.50
CA LYS B 196 0.59 27.34 2.26
C LYS B 196 1.34 27.66 3.54
N LYS B 197 0.63 28.04 4.60
CA LYS B 197 1.21 28.36 5.89
C LYS B 197 1.59 27.12 6.71
#